data_5IQN
#
_entry.id   5IQN
#
_cell.length_a   25.680
_cell.length_b   52.880
_cell.length_c   83.140
_cell.angle_alpha   90.00
_cell.angle_beta   98.71
_cell.angle_gamma   90.00
#
_symmetry.space_group_name_H-M   'P 1 21 1'
#
loop_
_entity.id
_entity.type
_entity.pdbx_description
1 polymer 'Protein FimG'
2 polymer 'Protein FimF'
3 non-polymer 'COBALT (II) ION'
4 non-polymer 1,2-ETHANEDIOL
5 water water
#
loop_
_entity_poly.entity_id
_entity_poly.type
_entity_poly.pdbx_seq_one_letter_code
_entity_poly.pdbx_strand_id
1 'polypeptide(L)'
;AKPCTVSTTNATVDLGDLYSFSLMSAGAASAWHDVALELTNCPVGTSRVTASFSGAADSTGYYKNQGTAQNIQLELQDDS
GNTLNTGATKTVQVDDSSQSAHFPLQVRALTVNGGATQGTIEAVISITYTYS
;
A,G
2 'polypeptide(L)' SRIRIRGYVR B,F
#
# COMPACT_ATOMS: atom_id res chain seq x y z
N ALA A 1 -8.48 -13.02 -26.11
CA ALA A 1 -7.51 -11.99 -26.63
C ALA A 1 -6.13 -12.30 -26.07
N LYS A 2 -5.07 -11.69 -26.59
N LYS A 2 -5.06 -11.71 -26.58
CA LYS A 2 -3.72 -11.96 -26.10
CA LYS A 2 -3.74 -12.05 -26.04
C LYS A 2 -3.49 -11.32 -24.71
C LYS A 2 -3.45 -11.31 -24.74
N PRO A 3 -2.57 -11.91 -23.92
CA PRO A 3 -2.33 -11.41 -22.57
C PRO A 3 -1.46 -10.18 -22.49
N CYS A 4 -1.79 -9.35 -21.52
CA CYS A 4 -0.93 -8.30 -21.05
C CYS A 4 0.23 -8.90 -20.25
N THR A 5 1.20 -8.04 -19.89
CA THR A 5 2.22 -8.36 -18.90
C THR A 5 1.69 -8.16 -17.47
N VAL A 6 1.83 -9.17 -16.62
CA VAL A 6 1.42 -9.04 -15.22
C VAL A 6 2.57 -8.44 -14.50
N SER A 7 2.36 -7.25 -13.96
N SER A 7 2.41 -7.21 -14.04
CA SER A 7 3.43 -6.50 -13.33
CA SER A 7 3.51 -6.53 -13.36
C SER A 7 3.32 -6.45 -11.80
C SER A 7 3.57 -6.91 -11.88
N THR A 8 2.36 -7.17 -11.22
N THR A 8 2.43 -6.88 -11.21
CA THR A 8 2.29 -7.41 -9.79
CA THR A 8 2.34 -7.32 -9.83
C THR A 8 2.15 -8.90 -9.52
C THR A 8 2.16 -8.84 -9.79
N THR A 9 3.26 -9.60 -9.44
N THR A 9 3.16 -9.55 -9.27
CA THR A 9 3.24 -11.04 -9.19
CA THR A 9 3.12 -11.00 -9.17
C THR A 9 2.85 -11.36 -7.74
C THR A 9 2.85 -11.40 -7.72
N ASN A 10 3.43 -10.65 -6.80
CA ASN A 10 3.15 -10.84 -5.38
C ASN A 10 2.94 -9.51 -4.72
N ALA A 11 1.94 -9.46 -3.85
CA ALA A 11 1.70 -8.32 -2.99
C ALA A 11 1.44 -8.84 -1.58
N THR A 12 1.74 -8.02 -0.60
CA THR A 12 1.51 -8.36 0.79
C THR A 12 0.81 -7.23 1.53
N VAL A 13 -0.23 -7.60 2.27
CA VAL A 13 -0.92 -6.72 3.19
C VAL A 13 -0.56 -7.15 4.60
N ASP A 14 0.11 -6.27 5.33
N ASP A 14 0.03 -6.25 5.35
CA ASP A 14 0.36 -6.48 6.75
CA ASP A 14 0.34 -6.49 6.76
C ASP A 14 -0.67 -5.68 7.56
C ASP A 14 -0.64 -5.69 7.59
N LEU A 15 -1.59 -6.39 8.20
CA LEU A 15 -2.62 -5.76 9.03
C LEU A 15 -2.08 -5.26 10.36
N GLY A 16 -0.86 -5.65 10.70
CA GLY A 16 -0.26 -5.26 11.96
C GLY A 16 -0.93 -5.91 13.16
N ASP A 17 -0.87 -5.20 14.27
CA ASP A 17 -1.47 -5.63 15.52
C ASP A 17 -2.90 -5.12 15.58
N LEU A 18 -3.85 -6.04 15.56
CA LEU A 18 -5.26 -5.78 15.82
C LEU A 18 -5.54 -6.20 17.24
N TYR A 19 -6.62 -5.75 17.82
CA TYR A 19 -6.94 -6.01 19.24
C TYR A 19 -8.25 -6.75 19.34
N SER A 20 -8.20 -7.89 20.02
CA SER A 20 -9.41 -8.65 20.29
C SER A 20 -10.46 -7.81 21.01
N PHE A 21 -10.01 -6.89 21.85
CA PHE A 21 -10.93 -5.99 22.55
C PHE A 21 -11.86 -5.23 21.60
N SER A 22 -11.35 -4.86 20.43
N SER A 22 -11.34 -4.89 20.43
CA SER A 22 -12.15 -4.14 19.44
CA SER A 22 -12.12 -4.15 19.44
C SER A 22 -12.58 -5.00 18.26
C SER A 22 -12.63 -5.00 18.28
N LEU A 23 -12.53 -6.32 18.46
CA LEU A 23 -13.04 -7.30 17.50
C LEU A 23 -13.93 -8.30 18.26
N MET A 24 -14.70 -7.74 19.21
CA MET A 24 -15.59 -8.50 20.03
C MET A 24 -17.03 -8.54 19.47
N SER A 25 -17.54 -7.40 19.06
CA SER A 25 -18.89 -7.33 18.50
C SER A 25 -18.94 -7.87 17.11
N ALA A 26 -20.01 -8.55 16.79
CA ALA A 26 -20.20 -9.10 15.46
C ALA A 26 -20.13 -7.98 14.44
N GLY A 27 -19.43 -8.27 13.35
CA GLY A 27 -19.24 -7.32 12.27
C GLY A 27 -18.07 -6.35 12.46
N ALA A 28 -17.42 -6.38 13.61
CA ALA A 28 -16.25 -5.52 13.81
C ALA A 28 -15.18 -5.87 12.79
N ALA A 29 -14.38 -4.88 12.42
CA ALA A 29 -13.40 -5.06 11.35
C ALA A 29 -12.23 -4.14 11.53
N SER A 30 -11.10 -4.53 10.94
CA SER A 30 -9.98 -3.64 10.88
C SER A 30 -10.18 -2.57 9.83
N ALA A 31 -9.29 -1.59 9.84
CA ALA A 31 -9.21 -0.64 8.76
C ALA A 31 -8.89 -1.33 7.46
N TRP A 32 -9.28 -0.68 6.36
CA TRP A 32 -8.92 -1.14 5.04
C TRP A 32 -7.47 -0.85 4.73
N HIS A 33 -6.82 -1.82 4.07
N HIS A 33 -6.87 -1.77 3.99
CA HIS A 33 -5.46 -1.64 3.53
CA HIS A 33 -5.54 -1.67 3.46
C HIS A 33 -5.52 -1.77 2.01
C HIS A 33 -5.55 -1.77 1.97
N ASP A 34 -4.80 -0.89 1.34
CA ASP A 34 -4.79 -0.84 -0.09
C ASP A 34 -3.85 -1.85 -0.68
N VAL A 35 -4.26 -2.41 -1.80
CA VAL A 35 -3.38 -3.28 -2.59
C VAL A 35 -3.79 -3.07 -4.06
N ALA A 36 -2.83 -2.98 -4.98
CA ALA A 36 -3.13 -2.79 -6.37
C ALA A 36 -2.46 -3.87 -7.21
N LEU A 37 -3.14 -4.23 -8.27
CA LEU A 37 -2.58 -5.16 -9.28
C LEU A 37 -2.41 -4.41 -10.57
N GLU A 38 -1.22 -4.48 -11.15
CA GLU A 38 -0.90 -3.74 -12.37
C GLU A 38 -0.70 -4.68 -13.55
N LEU A 39 -1.28 -4.33 -14.71
CA LEU A 39 -0.98 -4.97 -16.00
C LEU A 39 -0.53 -3.89 -17.01
N THR A 40 0.49 -4.25 -17.78
CA THR A 40 1.06 -3.34 -18.75
C THR A 40 1.22 -4.04 -20.09
N ASN A 41 1.61 -3.28 -21.10
CA ASN A 41 1.92 -3.83 -22.41
C ASN A 41 0.76 -4.69 -22.94
N CYS A 42 -0.45 -4.22 -22.77
CA CYS A 42 -1.57 -4.97 -23.28
C CYS A 42 -1.51 -4.99 -24.83
N PRO A 43 -1.63 -6.19 -25.44
CA PRO A 43 -1.42 -6.25 -26.88
C PRO A 43 -2.61 -5.75 -27.68
N VAL A 44 -2.35 -5.46 -28.94
CA VAL A 44 -3.38 -5.03 -29.84
C VAL A 44 -4.48 -6.09 -29.84
N GLY A 45 -5.72 -5.66 -29.64
CA GLY A 45 -6.86 -6.55 -29.66
C GLY A 45 -7.39 -6.80 -28.27
N THR A 46 -6.66 -6.39 -27.23
CA THR A 46 -7.10 -6.63 -25.86
C THR A 46 -7.65 -5.37 -25.24
N SER A 47 -8.95 -5.36 -24.93
CA SER A 47 -9.60 -4.15 -24.40
C SER A 47 -10.08 -4.30 -22.98
N ARG A 48 -10.09 -5.51 -22.45
CA ARG A 48 -10.55 -5.76 -21.09
C ARG A 48 -9.69 -6.84 -20.45
N VAL A 49 -9.48 -6.70 -19.14
CA VAL A 49 -8.80 -7.71 -18.35
C VAL A 49 -9.76 -8.14 -17.22
N THR A 50 -9.92 -9.44 -17.04
CA THR A 50 -10.74 -10.01 -15.97
C THR A 50 -9.85 -10.76 -14.99
N ALA A 51 -9.92 -10.35 -13.73
CA ALA A 51 -9.22 -11.03 -12.63
C ALA A 51 -10.20 -11.99 -11.97
N SER A 52 -9.73 -13.20 -11.68
CA SER A 52 -10.50 -14.21 -10.97
C SER A 52 -9.77 -14.59 -9.67
N PHE A 53 -10.50 -14.61 -8.58
CA PHE A 53 -9.96 -14.70 -7.23
C PHE A 53 -10.23 -16.06 -6.63
N SER A 54 -9.24 -16.61 -5.96
CA SER A 54 -9.39 -17.92 -5.33
C SER A 54 -8.64 -18.02 -4.03
N GLY A 55 -9.00 -19.01 -3.23
CA GLY A 55 -8.43 -19.25 -1.93
C GLY A 55 -9.52 -19.83 -1.04
N ALA A 56 -9.11 -20.46 0.05
CA ALA A 56 -10.05 -21.19 0.87
C ALA A 56 -10.97 -20.25 1.64
N ALA A 57 -12.26 -20.52 1.56
CA ALA A 57 -13.28 -19.84 2.37
C ALA A 57 -13.50 -20.59 3.68
N ASP A 58 -14.07 -19.89 4.65
CA ASP A 58 -14.61 -20.55 5.84
C ASP A 58 -16.14 -20.53 5.78
N SER A 59 -16.81 -20.90 6.87
CA SER A 59 -18.24 -21.04 6.88
C SER A 59 -18.97 -19.75 6.56
N THR A 60 -18.30 -18.61 6.74
CA THR A 60 -18.91 -17.32 6.49
C THR A 60 -18.87 -16.92 5.03
N GLY A 61 -18.09 -17.64 4.24
CA GLY A 61 -17.88 -17.30 2.85
C GLY A 61 -16.66 -16.46 2.57
N TYR A 62 -16.21 -15.70 3.56
CA TYR A 62 -14.99 -14.91 3.43
C TYR A 62 -13.77 -15.84 3.48
N TYR A 63 -12.59 -15.30 3.21
CA TYR A 63 -11.38 -16.14 3.21
C TYR A 63 -11.06 -16.54 4.64
N LYS A 64 -10.78 -17.83 4.79
CA LYS A 64 -10.44 -18.43 6.05
C LYS A 64 -9.09 -17.89 6.57
N ASN A 65 -9.03 -17.61 7.87
CA ASN A 65 -7.75 -17.37 8.50
C ASN A 65 -7.03 -18.71 8.67
N GLN A 66 -5.87 -18.82 8.03
CA GLN A 66 -5.02 -19.99 8.15
C GLN A 66 -4.13 -19.93 9.40
N GLY A 67 -4.10 -18.75 10.06
CA GLY A 67 -3.45 -18.58 11.33
C GLY A 67 -4.31 -19.02 12.50
N THR A 68 -3.85 -18.68 13.70
CA THR A 68 -4.41 -19.23 14.92
C THR A 68 -5.50 -18.35 15.57
N ALA A 69 -5.64 -17.08 15.19
CA ALA A 69 -6.72 -16.25 15.72
C ALA A 69 -8.07 -16.78 15.25
N GLN A 70 -8.99 -17.02 16.19
CA GLN A 70 -10.28 -17.55 15.82
C GLN A 70 -11.27 -16.41 15.58
N ASN A 71 -12.30 -16.72 14.79
CA ASN A 71 -13.37 -15.77 14.46
C ASN A 71 -12.85 -14.55 13.73
N ILE A 72 -11.80 -14.76 12.94
N ILE A 72 -11.85 -14.78 12.86
CA ILE A 72 -11.29 -13.78 12.00
CA ILE A 72 -11.29 -13.77 11.96
C ILE A 72 -11.36 -14.40 10.63
C ILE A 72 -11.43 -14.20 10.51
N GLN A 73 -11.90 -13.64 9.69
N GLN A 73 -12.15 -13.36 9.77
CA GLN A 73 -11.83 -13.96 8.27
CA GLN A 73 -12.33 -13.55 8.34
C GLN A 73 -11.30 -12.77 7.47
C GLN A 73 -11.45 -12.50 7.66
N LEU A 74 -10.88 -13.01 6.24
N LEU A 74 -11.03 -12.79 6.44
CA LEU A 74 -10.31 -11.93 5.42
CA LEU A 74 -10.33 -11.82 5.61
C LEU A 74 -11.25 -11.50 4.32
C LEU A 74 -11.24 -11.48 4.43
N GLU A 75 -11.41 -10.19 4.18
CA GLU A 75 -12.30 -9.65 3.16
C GLU A 75 -11.49 -8.80 2.19
N LEU A 76 -11.72 -9.06 0.91
CA LEU A 76 -11.19 -8.28 -0.21
C LEU A 76 -12.35 -7.59 -0.90
N GLN A 77 -12.23 -6.29 -1.15
CA GLN A 77 -13.24 -5.52 -1.86
C GLN A 77 -12.63 -4.82 -3.08
N ASP A 78 -13.51 -4.61 -4.06
CA ASP A 78 -13.21 -3.85 -5.26
C ASP A 78 -13.57 -2.36 -5.08
N ASP A 79 -13.46 -1.63 -6.18
CA ASP A 79 -13.72 -0.19 -6.23
C ASP A 79 -15.20 0.21 -6.18
N SER A 80 -16.08 -0.78 -6.08
CA SER A 80 -17.51 -0.54 -5.95
C SER A 80 -18.05 -1.05 -4.63
N GLY A 81 -17.15 -1.47 -3.73
CA GLY A 81 -17.58 -1.99 -2.45
C GLY A 81 -18.09 -3.43 -2.51
N ASN A 82 -17.84 -4.13 -3.61
CA ASN A 82 -18.20 -5.52 -3.69
C ASN A 82 -17.14 -6.39 -3.05
N THR A 83 -17.61 -7.41 -2.32
CA THR A 83 -16.73 -8.41 -1.76
C THR A 83 -16.27 -9.34 -2.88
N LEU A 84 -15.00 -9.66 -2.92
CA LEU A 84 -14.43 -10.58 -3.90
C LEU A 84 -14.04 -11.87 -3.21
N ASN A 85 -15.03 -12.64 -2.77
CA ASN A 85 -14.78 -13.95 -2.15
C ASN A 85 -14.37 -14.96 -3.21
N THR A 86 -14.03 -16.16 -2.78
CA THR A 86 -13.46 -17.11 -3.70
C THR A 86 -14.39 -17.37 -4.87
N GLY A 87 -13.81 -17.37 -6.08
CA GLY A 87 -14.55 -17.51 -7.31
C GLY A 87 -15.05 -16.19 -7.89
N ALA A 88 -14.93 -15.08 -7.18
CA ALA A 88 -15.35 -13.80 -7.71
C ALA A 88 -14.49 -13.39 -8.89
N THR A 89 -15.03 -12.49 -9.70
CA THR A 89 -14.27 -11.83 -10.74
C THR A 89 -14.42 -10.32 -10.68
N LYS A 90 -13.47 -9.63 -11.32
CA LYS A 90 -13.54 -8.19 -11.50
C LYS A 90 -12.93 -7.90 -12.89
N THR A 91 -13.65 -7.12 -13.71
CA THR A 91 -13.17 -6.76 -15.06
C THR A 91 -12.92 -5.26 -15.12
N VAL A 92 -11.80 -4.92 -15.76
CA VAL A 92 -11.41 -3.53 -16.00
C VAL A 92 -11.12 -3.32 -17.48
N GLN A 93 -11.41 -2.10 -17.95
CA GLN A 93 -11.16 -1.69 -19.33
C GLN A 93 -9.71 -1.21 -19.44
N VAL A 94 -9.03 -1.62 -20.50
CA VAL A 94 -7.68 -1.18 -20.78
C VAL A 94 -7.70 0.29 -21.17
N ASP A 95 -6.75 1.07 -20.66
CA ASP A 95 -6.56 2.43 -21.09
C ASP A 95 -5.74 2.35 -22.36
N ASP A 96 -6.32 2.70 -23.50
CA ASP A 96 -5.58 2.54 -24.74
C ASP A 96 -4.40 3.48 -24.87
N SER A 97 -4.42 4.60 -24.14
N SER A 97 -4.43 4.63 -24.17
CA SER A 97 -3.31 5.56 -24.26
CA SER A 97 -3.32 5.55 -24.29
C SER A 97 -2.04 5.02 -23.64
C SER A 97 -2.05 4.89 -23.77
N SER A 98 -2.17 4.06 -22.73
CA SER A 98 -1.03 3.45 -22.07
C SER A 98 -0.97 1.94 -22.18
N GLN A 99 -1.98 1.34 -22.81
CA GLN A 99 -2.07 -0.12 -22.96
C GLN A 99 -1.91 -0.79 -21.60
N SER A 100 -2.60 -0.24 -20.60
CA SER A 100 -2.45 -0.75 -19.24
C SER A 100 -3.78 -0.94 -18.56
N ALA A 101 -3.77 -1.67 -17.46
CA ALA A 101 -4.95 -1.90 -16.67
C ALA A 101 -4.51 -1.94 -15.20
N HIS A 102 -5.37 -1.39 -14.35
CA HIS A 102 -5.08 -1.22 -12.92
CA HIS A 102 -5.09 -1.24 -12.92
C HIS A 102 -6.25 -1.81 -12.12
N PHE A 103 -5.96 -2.59 -11.07
CA PHE A 103 -7.00 -3.09 -10.15
C PHE A 103 -6.76 -2.58 -8.75
N PRO A 104 -7.46 -1.50 -8.36
CA PRO A 104 -7.36 -1.00 -7.02
C PRO A 104 -8.27 -1.80 -6.10
N LEU A 105 -7.69 -2.47 -5.11
CA LEU A 105 -8.42 -3.35 -4.19
C LEU A 105 -8.14 -2.94 -2.76
N GLN A 106 -8.99 -3.40 -1.85
N GLN A 106 -8.97 -3.44 -1.85
CA GLN A 106 -8.75 -3.16 -0.42
C GLN A 106 -8.93 -4.49 0.30
C GLN A 106 -9.04 -4.42 0.39
N VAL A 107 -8.22 -4.62 1.43
CA VAL A 107 -8.29 -5.79 2.29
C VAL A 107 -8.48 -5.37 3.74
N ARG A 108 -9.27 -6.16 4.47
CA ARG A 108 -9.39 -5.98 5.90
C ARG A 108 -9.64 -7.33 6.56
N ALA A 109 -9.40 -7.37 7.86
CA ALA A 109 -9.90 -8.47 8.70
C ALA A 109 -11.28 -8.09 9.23
N LEU A 110 -12.13 -9.08 9.34
CA LEU A 110 -13.49 -8.92 9.77
C LEU A 110 -13.83 -10.07 10.73
N THR A 111 -14.65 -9.82 11.76
CA THR A 111 -15.22 -10.87 12.55
C THR A 111 -16.73 -10.91 12.33
N VAL A 112 -17.16 -11.83 11.47
CA VAL A 112 -18.59 -11.93 11.16
C VAL A 112 -19.42 -12.21 12.41
N ASN A 113 -18.95 -13.15 13.21
CA ASN A 113 -19.68 -13.60 14.38
C ASN A 113 -19.28 -12.93 15.66
N GLY A 114 -18.20 -12.18 15.66
CA GLY A 114 -17.66 -11.56 16.88
C GLY A 114 -16.82 -12.52 17.67
N GLY A 115 -16.29 -12.03 18.77
CA GLY A 115 -15.53 -12.87 19.67
C GLY A 115 -14.21 -13.36 19.09
N ALA A 116 -13.49 -12.51 18.37
CA ALA A 116 -12.18 -12.88 17.88
C ALA A 116 -11.27 -13.24 19.05
N THR A 117 -10.35 -14.18 18.82
CA THR A 117 -9.38 -14.53 19.83
C THR A 117 -7.97 -14.19 19.34
N GLN A 118 -7.07 -14.06 20.33
CA GLN A 118 -5.67 -13.77 20.05
C GLN A 118 -5.05 -14.84 19.17
N GLY A 119 -4.12 -14.42 18.33
CA GLY A 119 -3.35 -15.35 17.52
C GLY A 119 -2.86 -14.71 16.25
N THR A 120 -2.31 -15.52 15.36
CA THR A 120 -1.81 -15.03 14.08
C THR A 120 -2.97 -14.90 13.08
N ILE A 121 -2.74 -14.06 12.11
CA ILE A 121 -3.53 -13.93 10.90
C ILE A 121 -2.63 -14.24 9.72
N GLU A 122 -3.07 -15.19 8.88
CA GLU A 122 -2.37 -15.55 7.67
C GLU A 122 -3.39 -16.02 6.64
N ALA A 123 -3.32 -15.48 5.43
CA ALA A 123 -4.12 -16.00 4.31
C ALA A 123 -3.42 -15.64 3.01
N VAL A 124 -3.79 -16.34 1.95
CA VAL A 124 -3.34 -16.03 0.62
C VAL A 124 -4.51 -16.06 -0.34
N ILE A 125 -4.67 -15.00 -1.11
CA ILE A 125 -5.66 -14.89 -2.18
C ILE A 125 -4.88 -14.97 -3.51
N SER A 126 -5.29 -15.92 -4.37
CA SER A 126 -4.68 -16.06 -5.66
C SER A 126 -5.54 -15.40 -6.74
N ILE A 127 -4.87 -14.84 -7.74
N ILE A 127 -4.86 -14.85 -7.75
CA ILE A 127 -5.52 -14.09 -8.80
CA ILE A 127 -5.50 -14.13 -8.83
C ILE A 127 -5.03 -14.55 -10.16
C ILE A 127 -4.95 -14.64 -10.15
N THR A 128 -5.94 -15.13 -10.94
N THR A 128 -5.82 -14.81 -11.14
CA THR A 128 -5.65 -15.65 -12.27
CA THR A 128 -5.39 -15.10 -12.49
C THR A 128 -6.40 -14.78 -13.27
C THR A 128 -6.22 -14.26 -13.42
N TYR A 129 -5.84 -14.59 -14.47
N TYR A 129 -5.73 -14.06 -14.64
CA TYR A 129 -6.35 -13.55 -15.38
CA TYR A 129 -6.35 -13.10 -15.52
C TYR A 129 -6.92 -14.09 -16.71
C TYR A 129 -6.71 -13.76 -16.81
N THR A 130 -7.87 -13.36 -17.31
CA THR A 130 -8.28 -13.63 -18.67
C THR A 130 -8.39 -12.27 -19.40
N TYR A 131 -8.31 -12.35 -20.73
CA TYR A 131 -8.20 -11.17 -21.59
C TYR A 131 -9.23 -11.24 -22.69
N SER A 132 -9.90 -10.13 -22.96
CA SER A 132 -10.89 -10.10 -24.03
C SER A 132 -10.85 -8.77 -24.78
N SER B 1 -1.08 -13.93 -9.94
CA SER B 1 -0.64 -13.05 -8.85
C SER B 1 -1.13 -13.64 -7.53
N ARG B 2 -0.57 -13.11 -6.44
N ARG B 2 -0.47 -13.29 -6.42
CA ARG B 2 -1.10 -13.40 -5.11
CA ARG B 2 -0.84 -13.76 -5.09
C ARG B 2 -1.07 -12.19 -4.20
C ARG B 2 -0.79 -12.58 -4.13
N ILE B 3 -2.01 -12.17 -3.27
N ILE B 3 -1.82 -12.46 -3.29
CA ILE B 3 -2.00 -11.25 -2.15
CA ILE B 3 -1.89 -11.46 -2.24
C ILE B 3 -1.87 -12.10 -0.88
C ILE B 3 -1.82 -12.19 -0.92
N ARG B 4 -0.74 -11.94 -0.17
CA ARG B 4 -0.52 -12.53 1.14
C ARG B 4 -0.99 -11.55 2.20
N ILE B 5 -1.80 -12.02 3.14
CA ILE B 5 -2.30 -11.21 4.23
C ILE B 5 -1.73 -11.74 5.52
N ARG B 6 -1.08 -10.87 6.30
N ARG B 6 -1.16 -10.86 6.33
CA ARG B 6 -0.49 -11.26 7.60
CA ARG B 6 -0.60 -11.28 7.61
C ARG B 6 -0.97 -10.28 8.66
C ARG B 6 -0.89 -10.26 8.68
N GLY B 7 -0.89 -10.72 9.92
CA GLY B 7 -1.18 -9.86 11.04
C GLY B 7 -1.21 -10.65 12.34
N TYR B 8 -1.54 -9.96 13.43
CA TYR B 8 -1.77 -10.57 14.73
C TYR B 8 -3.03 -9.98 15.34
N VAL B 9 -3.74 -10.82 16.08
CA VAL B 9 -4.77 -10.34 17.02
C VAL B 9 -4.17 -10.45 18.41
N ARG B 10 -4.20 -9.33 19.14
CA ARG B 10 -3.62 -9.22 20.48
C ARG B 10 -4.67 -9.17 21.56
N SER C 1 13.62 1.94 -4.94
CA SER C 1 14.17 3.06 -4.16
C SER C 1 13.74 2.91 -2.72
N ARG C 2 14.52 3.55 -1.84
N ARG C 2 14.48 3.55 -1.83
CA ARG C 2 14.22 3.69 -0.43
CA ARG C 2 14.08 3.63 -0.43
C ARG C 2 14.17 5.17 -0.06
C ARG C 2 14.24 5.05 0.09
N ILE C 3 13.20 5.54 0.77
CA ILE C 3 13.20 6.79 1.50
C ILE C 3 13.35 6.46 2.99
N ARG C 4 14.46 6.92 3.56
CA ARG C 4 14.76 6.73 4.98
C ARG C 4 14.42 8.03 5.70
N ILE C 5 13.65 7.90 6.78
CA ILE C 5 13.26 9.05 7.59
C ILE C 5 13.90 8.90 8.95
N ARG C 6 14.57 9.96 9.42
CA ARG C 6 15.24 9.95 10.73
C ARG C 6 14.89 11.23 11.48
N GLY C 7 14.91 11.13 12.81
CA GLY C 7 14.74 12.29 13.66
C GLY C 7 14.74 11.87 15.11
N TYR C 8 14.42 12.82 15.98
CA TYR C 8 14.27 12.57 17.42
C TYR C 8 13.07 13.32 17.93
N VAL C 9 12.34 12.73 18.88
CA VAL C 9 11.42 13.46 19.73
C VAL C 9 12.15 13.70 21.05
N ARG C 10 12.18 14.95 21.49
CA ARG C 10 12.89 15.36 22.69
C ARG C 10 11.93 15.69 23.84
N ALA D 1 6.36 -1.55 -20.31
CA ALA D 1 7.38 -0.91 -21.17
C ALA D 1 8.75 -1.03 -20.54
N LYS D 2 9.79 -0.65 -21.29
CA LYS D 2 11.15 -0.77 -20.78
C LYS D 2 11.40 0.27 -19.68
N PRO D 3 12.21 -0.11 -18.69
CA PRO D 3 12.41 0.76 -17.53
C PRO D 3 13.34 1.94 -17.77
N CYS D 4 13.07 3.04 -17.08
CA CYS D 4 14.07 4.07 -16.88
C CYS D 4 15.15 3.54 -15.95
N THR D 5 16.26 4.29 -15.84
CA THR D 5 17.21 4.08 -14.77
C THR D 5 16.68 4.74 -13.52
N VAL D 6 16.71 4.01 -12.42
CA VAL D 6 16.37 4.61 -11.14
C VAL D 6 17.61 5.30 -10.61
N SER D 7 17.59 6.62 -10.67
CA SER D 7 18.73 7.39 -10.17
C SER D 7 18.71 7.50 -8.65
N THR D 8 17.54 7.81 -8.09
CA THR D 8 17.42 7.92 -6.64
C THR D 8 17.14 6.56 -6.07
N THR D 9 18.19 5.79 -5.84
CA THR D 9 17.99 4.49 -5.21
C THR D 9 17.77 4.70 -3.70
N ASN D 10 18.35 5.77 -3.12
CA ASN D 10 18.18 6.11 -1.73
C ASN D 10 18.00 7.61 -1.57
N ALA D 11 17.04 8.01 -0.75
CA ALA D 11 16.91 9.38 -0.31
C ALA D 11 16.62 9.36 1.18
N THR D 12 17.04 10.42 1.85
CA THR D 12 16.88 10.54 3.29
C THR D 12 16.24 11.86 3.66
N VAL D 13 15.29 11.80 4.59
CA VAL D 13 14.68 12.97 5.19
C VAL D 13 15.12 13.00 6.66
N ASP D 14 15.79 14.08 7.04
CA ASP D 14 16.17 14.32 8.44
C ASP D 14 15.18 15.32 9.02
N LEU D 15 14.29 14.86 9.88
CA LEU D 15 13.30 15.70 10.53
C LEU D 15 13.93 16.55 11.63
N GLY D 16 15.15 16.22 12.04
CA GLY D 16 15.79 16.89 13.15
C GLY D 16 15.13 16.60 14.48
N ASP D 17 15.29 17.54 15.40
CA ASP D 17 14.75 17.44 16.73
C ASP D 17 13.37 18.07 16.80
N LEU D 18 12.42 17.26 17.27
CA LEU D 18 11.04 17.70 17.50
C LEU D 18 10.79 17.60 19.01
N TYR D 19 9.99 18.47 19.57
CA TYR D 19 9.74 18.42 21.00
C TYR D 19 8.41 17.80 21.30
N SER D 20 8.40 16.92 22.30
N SER D 20 8.39 16.93 22.30
CA SER D 20 7.16 16.32 22.70
CA SER D 20 7.15 16.35 22.79
C SER D 20 6.08 17.34 23.10
C SER D 20 6.06 17.37 23.06
N PHE D 21 6.41 18.52 23.64
CA PHE D 21 5.35 19.47 24.03
C PHE D 21 4.63 20.01 22.82
N SER D 22 5.30 19.96 21.66
CA SER D 22 4.69 20.41 20.42
C SER D 22 4.07 19.29 19.60
N LEU D 23 4.08 18.09 20.16
CA LEU D 23 3.49 16.90 19.52
C LEU D 23 2.58 16.22 20.54
N MET D 24 1.89 17.07 21.29
N MET D 24 1.95 17.05 21.35
CA MET D 24 0.99 16.63 22.34
CA MET D 24 1.07 16.61 22.42
C MET D 24 -0.47 16.53 21.86
C MET D 24 -0.38 16.49 21.95
N SER D 25 -0.95 17.59 21.23
N SER D 25 -0.82 17.46 21.17
CA SER D 25 -2.31 17.62 20.71
CA SER D 25 -2.18 17.49 20.68
C SER D 25 -2.49 16.63 19.55
C SER D 25 -2.43 16.48 19.59
N ALA D 26 -3.65 15.97 19.49
CA ALA D 26 -3.98 15.07 18.38
C ALA D 26 -3.85 15.85 17.09
N GLY D 27 -3.22 15.22 16.10
CA GLY D 27 -3.01 15.86 14.82
C GLY D 27 -1.77 16.74 14.73
N ALA D 28 -1.05 16.93 15.83
CA ALA D 28 0.16 17.74 15.79
C ALA D 28 1.17 17.06 14.87
N ALA D 29 2.02 17.88 14.23
CA ALA D 29 2.95 17.37 13.22
C ALA D 29 4.16 18.24 13.09
N SER D 30 5.21 17.65 12.54
CA SER D 30 6.37 18.42 12.12
C SER D 30 6.05 19.19 10.85
N ALA D 31 6.96 20.07 10.45
CA ALA D 31 6.92 20.62 9.11
C ALA D 31 7.09 19.52 8.08
N TRP D 32 6.55 19.78 6.89
N TRP D 32 6.62 19.82 6.88
CA TRP D 32 6.76 18.92 5.74
CA TRP D 32 6.90 19.02 5.72
C TRP D 32 8.17 19.11 5.22
C TRP D 32 8.35 19.18 5.30
N HIS D 33 8.76 18.01 4.73
N HIS D 33 8.89 18.10 4.76
CA HIS D 33 10.09 18.00 4.12
CA HIS D 33 10.18 18.06 4.12
C HIS D 33 10.00 17.45 2.71
C HIS D 33 10.01 17.50 2.73
N ASP D 34 10.52 18.17 1.72
CA ASP D 34 10.53 17.67 0.34
C ASP D 34 11.43 16.47 0.20
N VAL D 35 11.01 15.52 -0.62
CA VAL D 35 11.89 14.47 -1.04
C VAL D 35 11.49 14.10 -2.45
N ALA D 36 12.48 13.90 -3.29
CA ALA D 36 12.28 13.65 -4.71
C ALA D 36 12.84 12.29 -5.09
N LEU D 37 12.09 11.61 -5.95
CA LEU D 37 12.61 10.40 -6.59
C LEU D 37 12.83 10.68 -8.06
N GLU D 38 14.08 10.46 -8.53
CA GLU D 38 14.47 10.79 -9.88
C GLU D 38 14.74 9.52 -10.70
N LEU D 39 14.16 9.50 -11.89
CA LEU D 39 14.42 8.45 -12.88
C LEU D 39 14.99 9.10 -14.13
N THR D 40 15.94 8.45 -14.77
CA THR D 40 16.70 9.04 -15.88
C THR D 40 16.75 8.07 -17.04
N ASN D 41 17.17 8.60 -18.19
CA ASN D 41 17.39 7.82 -19.40
C ASN D 41 16.22 6.88 -19.66
N CYS D 42 15.03 7.47 -19.65
CA CYS D 42 13.82 6.70 -19.93
C CYS D 42 13.82 6.33 -21.42
N PRO D 43 13.67 5.04 -21.75
CA PRO D 43 13.80 4.61 -23.14
C PRO D 43 12.70 5.12 -24.06
N VAL D 44 13.03 5.12 -25.35
CA VAL D 44 12.05 5.41 -26.38
C VAL D 44 10.88 4.46 -26.23
N GLY D 45 9.68 5.03 -26.14
CA GLY D 45 8.46 4.26 -25.98
C GLY D 45 7.92 4.27 -24.55
N THR D 46 8.70 4.75 -23.58
CA THR D 46 8.26 4.80 -22.19
C THR D 46 7.89 6.24 -21.88
N SER D 47 6.61 6.45 -21.60
CA SER D 47 6.07 7.79 -21.37
C SER D 47 5.45 8.02 -19.98
N ARG D 48 5.26 6.96 -19.19
CA ARG D 48 4.60 7.09 -17.88
C ARG D 48 5.25 6.14 -16.89
N VAL D 49 5.40 6.62 -15.66
CA VAL D 49 5.99 5.82 -14.60
C VAL D 49 4.98 5.77 -13.44
N THR D 50 4.69 4.56 -12.95
CA THR D 50 3.83 4.40 -11.76
C THR D 50 4.68 3.88 -10.63
N ALA D 51 4.75 4.66 -9.57
N ALA D 51 4.71 4.62 -9.53
CA ALA D 51 5.41 4.27 -8.32
CA ALA D 51 5.44 4.24 -8.31
C ALA D 51 4.39 3.52 -7.49
C ALA D 51 4.46 3.59 -7.32
N SER D 52 4.86 2.49 -6.79
N SER D 52 4.90 2.47 -6.74
CA SER D 52 4.07 1.76 -5.79
CA SER D 52 4.16 1.76 -5.69
C SER D 52 4.87 1.73 -4.50
C SER D 52 4.94 1.90 -4.38
N PHE D 53 4.22 2.13 -3.40
N PHE D 53 4.22 2.25 -3.30
CA PHE D 53 4.89 2.32 -2.11
CA PHE D 53 4.82 2.57 -2.02
C PHE D 53 4.58 1.21 -1.12
C PHE D 53 4.54 1.45 -1.04
N SER D 54 5.55 0.91 -0.27
N SER D 54 5.55 1.01 -0.29
CA SER D 54 5.41 -0.14 0.73
CA SER D 54 5.32 0.04 0.77
C SER D 54 6.25 0.16 1.95
C SER D 54 6.18 0.32 1.98
N GLY D 55 5.71 -0.14 3.13
CA GLY D 55 6.45 -0.06 4.37
C GLY D 55 5.55 -0.47 5.49
N ALA D 56 6.15 -0.74 6.64
CA ALA D 56 5.40 -1.13 7.81
C ALA D 56 4.52 0.03 8.30
N ALA D 57 3.26 -0.27 8.52
CA ALA D 57 2.32 0.70 9.06
C ALA D 57 1.97 0.33 10.47
N ASP D 58 1.44 1.33 11.17
CA ASP D 58 0.93 1.06 12.51
C ASP D 58 -0.59 1.15 12.52
N SER D 59 -1.21 1.15 13.70
CA SER D 59 -2.67 1.12 13.79
C SER D 59 -3.36 2.35 13.20
N THR D 60 -2.61 3.43 12.95
CA THR D 60 -3.19 4.61 12.33
C THR D 60 -3.25 4.50 10.81
N GLY D 61 -2.55 3.51 10.23
CA GLY D 61 -2.45 3.37 8.79
C GLY D 61 -1.25 4.05 8.17
N TYR D 62 -0.71 5.06 8.84
CA TYR D 62 0.50 5.73 8.41
C TYR D 62 1.69 4.83 8.69
N TYR D 63 2.87 5.22 8.22
CA TYR D 63 4.06 4.42 8.43
C TYR D 63 4.47 4.40 9.89
N LYS D 64 4.70 3.18 10.40
N LYS D 64 4.77 3.19 10.37
CA LYS D 64 5.15 2.97 11.76
C LYS D 64 6.51 3.60 12.03
C LYS D 64 6.53 3.50 12.08
N ASN D 65 6.66 4.16 13.22
CA ASN D 65 7.97 4.53 13.73
C ASN D 65 8.69 3.27 14.21
N GLN D 66 9.76 2.90 13.53
CA GLN D 66 10.61 1.79 13.94
C GLN D 66 11.56 2.20 15.07
N GLY D 67 11.66 3.51 15.31
CA GLY D 67 12.38 4.04 16.45
C GLY D 67 11.58 3.89 17.75
N THR D 68 12.13 4.47 18.80
CA THR D 68 11.59 4.28 20.14
C THR D 68 10.51 5.30 20.55
N ALA D 69 10.42 6.46 19.89
CA ALA D 69 9.37 7.41 20.25
C ALA D 69 7.99 6.80 20.01
N GLN D 70 7.11 6.91 21.00
CA GLN D 70 5.78 6.34 20.87
C GLN D 70 4.79 7.39 20.38
N ASN D 71 3.67 6.92 19.86
CA ASN D 71 2.53 7.77 19.48
C ASN D 71 2.94 8.81 18.44
N ILE D 72 3.81 8.38 17.55
N ILE D 72 3.81 8.40 17.54
CA ILE D 72 4.22 9.18 16.41
CA ILE D 72 4.22 9.25 16.41
C ILE D 72 4.30 8.26 15.20
C ILE D 72 4.35 8.30 15.21
N GLN D 73 3.85 8.75 14.06
CA GLN D 73 3.88 7.99 12.81
C GLN D 73 4.45 8.92 11.73
N LEU D 74 4.73 8.34 10.57
CA LEU D 74 5.32 9.08 9.47
C LEU D 74 4.31 9.12 8.31
N GLU D 75 4.10 10.31 7.76
CA GLU D 75 3.22 10.55 6.64
C GLU D 75 4.00 11.00 5.42
N LEU D 76 3.81 10.26 4.33
CA LEU D 76 4.27 10.62 2.98
C LEU D 76 3.08 11.11 2.18
N GLN D 77 3.26 12.22 1.48
CA GLN D 77 2.26 12.74 0.54
C GLN D 77 2.88 12.95 -0.84
N ASP D 78 2.00 13.00 -1.84
CA ASP D 78 2.34 13.47 -3.16
C ASP D 78 2.35 14.99 -3.20
N ASP D 79 2.28 15.56 -4.39
CA ASP D 79 2.28 17.01 -4.56
C ASP D 79 0.90 17.65 -4.58
N SER D 80 -0.15 16.88 -4.27
CA SER D 80 -1.53 17.32 -4.46
C SER D 80 -2.41 17.08 -3.24
N GLY D 81 -1.79 16.91 -2.07
CA GLY D 81 -2.55 16.75 -0.85
C GLY D 81 -2.86 15.32 -0.48
N ASN D 82 -2.42 14.33 -1.27
CA ASN D 82 -2.82 12.97 -1.04
C ASN D 82 -1.78 12.17 -0.27
N THR D 83 -2.24 11.46 0.74
CA THR D 83 -1.38 10.54 1.50
C THR D 83 -1.03 9.33 0.64
N LEU D 84 0.24 8.91 0.71
CA LEU D 84 0.75 7.72 0.04
C LEU D 84 1.17 6.68 1.07
N ASN D 85 0.19 6.12 1.77
CA ASN D 85 0.42 5.06 2.72
C ASN D 85 0.79 3.77 2.00
N THR D 86 1.17 2.74 2.76
CA THR D 86 1.60 1.53 2.15
C THR D 86 0.50 1.00 1.22
N GLY D 87 0.93 0.55 0.06
CA GLY D 87 0.01 0.06 -0.96
C GLY D 87 -0.45 1.12 -1.96
N ALA D 88 -0.17 2.39 -1.69
CA ALA D 88 -0.53 3.47 -2.58
C ALA D 88 0.26 3.41 -3.88
N THR D 89 -0.28 4.05 -4.92
CA THR D 89 0.44 4.26 -6.16
C THR D 89 0.34 5.70 -6.59
N LYS D 90 1.29 6.13 -7.45
CA LYS D 90 1.32 7.49 -7.98
C LYS D 90 1.91 7.37 -9.38
N THR D 91 1.29 8.00 -10.37
CA THR D 91 1.79 7.99 -11.75
C THR D 91 2.21 9.40 -12.18
N VAL D 92 3.34 9.47 -12.87
CA VAL D 92 3.81 10.73 -13.44
C VAL D 92 4.15 10.53 -14.93
N GLN D 93 4.18 11.63 -15.67
CA GLN D 93 4.56 11.59 -17.09
C GLN D 93 6.03 11.77 -17.23
N VAL D 94 6.65 11.06 -18.19
CA VAL D 94 8.05 11.28 -18.51
C VAL D 94 8.18 12.68 -19.09
N ASP D 95 9.25 13.36 -18.69
CA ASP D 95 9.60 14.69 -19.16
C ASP D 95 10.42 14.55 -20.44
N ASP D 96 9.82 14.93 -21.56
CA ASP D 96 10.45 14.74 -22.85
CA ASP D 96 10.45 14.76 -22.85
C ASP D 96 11.57 15.76 -23.14
N SER D 97 11.85 16.67 -22.21
CA SER D 97 13.00 17.57 -22.40
C SER D 97 14.30 16.87 -22.02
N SER D 98 14.22 15.86 -21.14
CA SER D 98 15.41 15.23 -20.58
C SER D 98 15.29 13.71 -20.44
N GLN D 99 14.22 13.13 -21.00
CA GLN D 99 14.00 11.67 -20.93
C GLN D 99 14.06 11.20 -19.47
N SER D 100 13.36 11.91 -18.61
CA SER D 100 13.44 11.65 -17.18
C SER D 100 12.06 11.63 -16.56
N ALA D 101 11.95 11.14 -15.32
CA ALA D 101 10.70 11.21 -14.58
C ALA D 101 11.02 11.63 -13.16
N HIS D 102 10.07 12.34 -12.55
CA HIS D 102 10.31 12.99 -11.27
CA HIS D 102 10.29 12.98 -11.26
C HIS D 102 9.10 12.78 -10.36
N PHE D 103 9.32 12.30 -9.15
CA PHE D 103 8.25 12.24 -8.13
C PHE D 103 8.54 13.25 -7.04
N PRO D 104 7.83 14.39 -7.02
CA PRO D 104 7.98 15.37 -5.95
C PRO D 104 7.04 14.98 -4.81
N LEU D 105 7.64 14.54 -3.72
CA LEU D 105 6.88 14.01 -2.57
C LEU D 105 7.25 14.86 -1.34
N GLN D 106 6.53 14.61 -0.24
CA GLN D 106 6.89 15.27 1.00
C GLN D 106 6.58 14.36 2.19
N VAL D 107 7.35 14.54 3.26
CA VAL D 107 7.27 13.72 4.46
CA VAL D 107 7.21 13.71 4.45
C VAL D 107 7.18 14.58 5.71
N ARG D 108 6.41 14.11 6.69
CA ARG D 108 6.41 14.72 8.01
C ARG D 108 6.19 13.62 9.06
N ALA D 109 6.49 13.97 10.32
CA ALA D 109 6.02 13.20 11.44
C ALA D 109 4.68 13.76 11.90
N LEU D 110 3.78 12.85 12.29
CA LEU D 110 2.43 13.18 12.67
C LEU D 110 2.06 12.37 13.89
N THR D 111 1.37 12.96 14.87
CA THR D 111 0.78 12.14 15.93
C THR D 111 -0.74 12.19 15.78
N VAL D 112 -1.31 11.09 15.29
CA VAL D 112 -2.76 11.07 15.01
C VAL D 112 -3.55 11.28 16.28
N ASN D 113 -3.20 10.55 17.33
N ASN D 113 -3.15 10.60 17.34
CA ASN D 113 -3.96 10.60 18.58
CA ASN D 113 -3.94 10.59 18.55
C ASN D 113 -3.37 11.49 19.67
C ASN D 113 -3.30 11.34 19.72
N GLY D 114 -2.17 12.01 19.45
CA GLY D 114 -1.53 12.87 20.42
C GLY D 114 -0.58 12.12 21.34
N GLY D 115 0.16 12.88 22.14
CA GLY D 115 0.98 12.31 23.18
C GLY D 115 2.26 11.65 22.71
N ALA D 116 2.92 12.19 21.67
CA ALA D 116 4.22 11.64 21.27
C ALA D 116 5.18 11.66 22.42
N THR D 117 6.00 10.61 22.52
CA THR D 117 6.98 10.50 23.61
C THR D 117 8.40 10.61 23.06
N GLN D 118 9.32 10.86 23.98
N GLN D 118 9.33 10.90 23.97
CA GLN D 118 10.74 11.00 23.66
CA GLN D 118 10.72 11.09 23.57
C GLN D 118 11.30 9.74 23.01
C GLN D 118 11.36 9.80 23.07
N GLY D 119 12.19 9.92 22.04
CA GLY D 119 12.91 8.78 21.51
C GLY D 119 13.32 9.01 20.08
N THR D 120 13.84 7.99 19.43
CA THR D 120 14.23 8.11 18.05
C THR D 120 13.01 8.01 17.14
N ILE D 121 13.16 8.61 15.95
CA ILE D 121 12.27 8.44 14.83
C ILE D 121 13.10 7.81 13.72
N GLU D 122 12.61 6.68 13.22
CA GLU D 122 13.24 5.93 12.13
C GLU D 122 12.15 5.23 11.33
N ALA D 123 12.17 5.37 10.01
CA ALA D 123 11.29 4.55 9.18
C ALA D 123 11.88 4.46 7.79
N VAL D 124 11.49 3.42 7.05
CA VAL D 124 11.90 3.24 5.65
C VAL D 124 10.67 2.92 4.79
N ILE D 125 10.55 3.68 3.70
CA ILE D 125 9.48 3.48 2.71
C ILE D 125 10.19 2.98 1.44
N SER D 126 9.68 1.89 0.87
CA SER D 126 10.21 1.34 -0.36
C SER D 126 9.32 1.68 -1.53
N ILE D 127 9.95 1.94 -2.69
CA ILE D 127 9.22 2.34 -3.88
C ILE D 127 9.66 1.48 -5.05
N THR D 128 8.68 0.91 -5.74
CA THR D 128 8.94 0.19 -6.97
C THR D 128 8.22 0.85 -8.13
N TYR D 129 8.59 0.49 -9.35
CA TYR D 129 8.14 1.21 -10.51
C TYR D 129 7.66 0.27 -11.60
N THR D 130 6.58 0.70 -12.26
CA THR D 130 6.14 0.08 -13.49
C THR D 130 6.06 1.17 -14.54
N TYR D 131 6.18 0.71 -15.77
CA TYR D 131 6.38 1.63 -16.90
C TYR D 131 5.39 1.37 -18.02
N SER D 132 4.87 2.45 -18.61
CA SER D 132 4.01 2.33 -19.79
CA SER D 132 3.94 2.37 -19.74
C SER D 132 4.23 3.46 -20.78
#